data_9G0G
#
_entry.id   9G0G
#
_cell.length_a   118.500
_cell.length_b   39.230
_cell.length_c   67.600
_cell.angle_alpha   90.000
_cell.angle_beta   94.290
_cell.angle_gamma   90.000
#
_symmetry.space_group_name_H-M   'C 1 2 1'
#
loop_
_entity.id
_entity.type
_entity.pdbx_description
1 polymer 'Cyclic di-AMP synthase CdaA'
2 non-polymer ~{N}-[5-(2-azanyl-1,3-thiazol-4-yl)-4-methyl-1,3-thiazol-2-yl]ethanamide
3 non-polymer 'DIMETHYL SULFOXIDE'
4 non-polymer DI(HYDROXYETHYL)ETHER
5 non-polymer 'CHLORIDE ION'
6 water water
#
_entity_poly.entity_id   1
_entity_poly.type   'polypeptide(L)'
_entity_poly.pdbx_seq_one_letter_code
;GPTPVEEAQQKTIEAITKAINYMAKRRIGALLTIERDTGMGDYIETGIPLNAKVSSELLINIFIPNTPLHDGAVIMKNNE
IAAAACYLPLSESPFISKELGTRHRAAVGISEVTDSLTIIVSEETGGVSVAKNGDLHRELTEEALKEMLEAEFKK
;
_entity_poly.pdbx_strand_id   A,B
#
loop_
_chem_comp.id
_chem_comp.type
_chem_comp.name
_chem_comp.formula
CL non-polymer 'CHLORIDE ION' 'Cl -1'
DMS non-polymer 'DIMETHYL SULFOXIDE' 'C2 H6 O S'
PEG non-polymer DI(HYDROXYETHYL)ETHER 'C4 H10 O3'
TJ9 non-polymer ~{N}-[5-(2-azanyl-1,3-thiazol-4-yl)-4-methyl-1,3-thiazol-2-yl]ethanamide 'C9 H10 N4 O S2'
#
# COMPACT_ATOMS: atom_id res chain seq x y z
N THR A 3 -15.33 7.28 23.23
CA THR A 3 -14.70 8.49 22.68
C THR A 3 -14.26 8.26 21.24
N PRO A 4 -14.08 9.34 20.47
CA PRO A 4 -13.56 9.18 19.10
C PRO A 4 -12.23 8.45 19.04
N VAL A 5 -11.29 8.84 19.90
CA VAL A 5 -9.99 8.16 19.97
C VAL A 5 -10.18 6.67 20.20
N GLU A 6 -11.00 6.31 21.20
CA GLU A 6 -11.20 4.91 21.54
C GLU A 6 -11.78 4.13 20.36
N GLU A 7 -12.80 4.67 19.70
CA GLU A 7 -13.38 4.00 18.54
C GLU A 7 -12.34 3.85 17.44
N ALA A 8 -11.49 4.86 17.26
CA ALA A 8 -10.42 4.76 16.27
C ALA A 8 -9.46 3.64 16.63
N GLN A 9 -9.13 3.51 17.92
CA GLN A 9 -8.20 2.47 18.35
C GLN A 9 -8.77 1.08 18.07
N GLN A 10 -10.05 0.87 18.40
CA GLN A 10 -10.65 -0.44 18.17
C GLN A 10 -10.75 -0.76 16.68
N LYS A 11 -11.01 0.26 15.86
CA LYS A 11 -10.99 0.04 14.41
C LYS A 11 -9.60 -0.39 13.95
N THR A 12 -8.56 0.26 14.48
CA THR A 12 -7.20 -0.13 14.13
C THR A 12 -6.88 -1.54 14.58
N ILE A 13 -7.28 -1.89 15.81
CA ILE A 13 -7.05 -3.26 16.28
C ILE A 13 -7.78 -4.26 15.38
N GLU A 14 -9.01 -3.95 14.99
CA GLU A 14 -9.74 -4.88 14.14
C GLU A 14 -9.07 -5.03 12.78
N ALA A 15 -8.57 -3.93 12.22
CA ALA A 15 -7.86 -3.99 10.94
C ALA A 15 -6.60 -4.86 11.06
N ILE A 16 -5.82 -4.66 12.12
CA ILE A 16 -4.61 -5.47 12.31
C ILE A 16 -4.97 -6.94 12.44
N THR A 17 -5.96 -7.25 13.28
CA THR A 17 -6.22 -8.65 13.53
C THR A 17 -6.79 -9.35 12.30
N LYS A 18 -7.59 -8.65 11.50
CA LYS A 18 -8.10 -9.26 10.27
C LYS A 18 -6.97 -9.51 9.27
N ALA A 19 -6.03 -8.57 9.15
CA ALA A 19 -4.91 -8.76 8.24
C ALA A 19 -4.00 -9.88 8.71
N ILE A 20 -3.72 -9.92 10.01
CA ILE A 20 -2.88 -10.99 10.53
C ILE A 20 -3.57 -12.34 10.35
N ASN A 21 -4.89 -12.39 10.56
CA ASN A 21 -5.60 -13.66 10.39
C ASN A 21 -5.48 -14.14 8.96
N TYR A 22 -5.66 -13.22 8.00
CA TYR A 22 -5.52 -13.57 6.59
C TYR A 22 -4.13 -14.12 6.31
N MET A 23 -3.08 -13.41 6.76
CA MET A 23 -1.73 -13.84 6.43
C MET A 23 -1.34 -15.12 7.15
N ALA A 24 -1.86 -15.34 8.36
CA ALA A 24 -1.62 -16.59 9.06
C ALA A 24 -2.22 -17.76 8.29
N LYS A 25 -3.44 -17.60 7.78
CA LYS A 25 -4.09 -18.69 7.05
C LYS A 25 -3.33 -19.04 5.77
N ARG A 26 -2.77 -18.04 5.09
N ARG A 26 -2.77 -18.04 5.09
CA ARG A 26 -2.02 -18.27 3.85
CA ARG A 26 -2.03 -18.29 3.86
C ARG A 26 -0.55 -18.53 4.09
C ARG A 26 -0.55 -18.54 4.10
N ARG A 27 -0.07 -18.40 5.33
CA ARG A 27 1.34 -18.52 5.69
C ARG A 27 2.20 -17.50 4.94
N ILE A 28 1.73 -16.25 4.91
CA ILE A 28 2.45 -15.13 4.33
C ILE A 28 3.29 -14.49 5.44
N GLY A 29 4.60 -14.43 5.25
CA GLY A 29 5.45 -13.83 6.27
C GLY A 29 5.17 -12.34 6.41
N ALA A 30 5.19 -11.86 7.65
CA ALA A 30 4.84 -10.48 7.92
C ALA A 30 5.52 -10.00 9.19
N LEU A 31 5.73 -8.69 9.27
CA LEU A 31 6.48 -8.10 10.36
C LEU A 31 5.91 -6.70 10.56
N LEU A 32 5.26 -6.47 11.69
CA LEU A 32 4.50 -5.24 11.94
C LEU A 32 4.86 -4.72 13.33
N THR A 33 5.53 -3.58 13.38
CA THR A 33 5.98 -2.97 14.63
C THR A 33 5.10 -1.74 14.92
N ILE A 34 4.59 -1.66 16.15
CA ILE A 34 3.73 -0.56 16.56
C ILE A 34 4.50 0.28 17.58
N GLU A 35 4.78 1.54 17.22
CA GLU A 35 5.49 2.45 18.12
C GLU A 35 4.67 2.73 19.38
N ARG A 36 5.35 2.80 20.52
CA ARG A 36 4.71 3.15 21.79
C ARG A 36 5.36 4.44 22.25
N ASP A 37 6.03 4.45 23.41
CA ASP A 37 6.58 5.69 23.93
C ASP A 37 7.98 5.97 23.42
N THR A 38 8.74 4.94 23.04
CA THR A 38 10.08 5.14 22.50
C THR A 38 9.95 5.50 21.02
N GLY A 39 10.47 6.66 20.64
CA GLY A 39 10.38 7.06 19.24
C GLY A 39 11.16 6.14 18.33
N MET A 40 10.59 5.85 17.16
CA MET A 40 11.22 4.94 16.21
C MET A 40 11.50 5.61 14.89
N GLY A 41 11.64 6.94 14.90
CA GLY A 41 11.88 7.67 13.66
C GLY A 41 13.12 7.22 12.92
N ASP A 42 14.17 6.83 13.66
CA ASP A 42 15.40 6.38 13.00
C ASP A 42 15.15 5.13 12.17
N TYR A 43 14.27 4.25 12.63
CA TYR A 43 13.95 3.05 11.84
C TYR A 43 12.90 3.32 10.78
N ILE A 44 11.92 4.19 11.08
CA ILE A 44 10.95 4.60 10.08
C ILE A 44 11.66 5.18 8.86
N GLU A 45 12.75 5.92 9.09
CA GLU A 45 13.45 6.58 7.99
C GLU A 45 14.15 5.59 7.06
N THR A 46 14.35 4.33 7.48
CA THR A 46 15.03 3.38 6.61
C THR A 46 14.12 2.74 5.56
N GLY A 47 12.81 2.92 5.67
CA GLY A 47 11.87 2.28 4.77
C GLY A 47 11.28 3.24 3.76
N ILE A 48 10.21 2.77 3.10
CA ILE A 48 9.49 3.57 2.12
C ILE A 48 8.40 4.35 2.87
N PRO A 49 8.39 5.69 2.80
CA PRO A 49 7.35 6.46 3.50
C PRO A 49 5.97 6.19 2.93
N LEU A 50 5.02 5.92 3.82
CA LEU A 50 3.61 5.76 3.45
C LEU A 50 2.71 6.79 4.11
N ASN A 51 2.85 6.97 5.42
CA ASN A 51 1.93 7.78 6.23
C ASN A 51 0.48 7.53 5.84
N ALA A 52 0.10 6.26 5.84
CA ALA A 52 -1.16 5.80 5.26
C ALA A 52 -2.16 5.44 6.35
N LYS A 53 -3.44 5.66 6.07
CA LYS A 53 -4.50 5.16 6.94
C LYS A 53 -4.39 3.65 7.06
N VAL A 54 -4.68 3.13 8.26
CA VAL A 54 -4.64 1.68 8.48
C VAL A 54 -5.89 1.06 7.89
N SER A 55 -5.72 -0.03 7.13
CA SER A 55 -6.84 -0.89 6.75
C SER A 55 -6.30 -2.31 6.67
N SER A 56 -7.20 -3.29 6.82
CA SER A 56 -6.76 -4.66 6.68
C SER A 56 -6.32 -4.91 5.24
N GLU A 57 -7.01 -4.27 4.28
CA GLU A 57 -6.67 -4.44 2.87
C GLU A 57 -5.26 -3.94 2.56
N LEU A 58 -4.90 -2.72 3.01
CA LEU A 58 -3.56 -2.23 2.75
C LEU A 58 -2.49 -3.09 3.44
N LEU A 59 -2.72 -3.49 4.69
CA LEU A 59 -1.75 -4.34 5.37
C LEU A 59 -1.52 -5.63 4.58
N ILE A 60 -2.59 -6.26 4.11
CA ILE A 60 -2.43 -7.47 3.30
C ILE A 60 -1.66 -7.16 2.02
N ASN A 61 -2.04 -6.10 1.30
CA ASN A 61 -1.37 -5.81 0.03
C ASN A 61 0.13 -5.54 0.21
N ILE A 62 0.51 -4.96 1.35
CA ILE A 62 1.94 -4.68 1.59
C ILE A 62 2.75 -5.98 1.64
N PHE A 63 2.22 -7.01 2.27
CA PHE A 63 3.02 -8.18 2.59
C PHE A 63 2.94 -9.30 1.56
N ILE A 64 2.24 -9.08 0.45
CA ILE A 64 2.18 -10.13 -0.57
C ILE A 64 3.60 -10.52 -1.00
N PRO A 65 3.91 -11.81 -1.09
CA PRO A 65 5.28 -12.22 -1.43
C PRO A 65 5.71 -11.72 -2.80
N ASN A 66 7.02 -11.47 -2.94
CA ASN A 66 7.65 -11.13 -4.21
C ASN A 66 7.14 -9.81 -4.76
N THR A 67 6.87 -8.86 -3.85
CA THR A 67 6.46 -7.51 -4.18
C THR A 67 7.45 -6.51 -3.59
N PRO A 68 7.45 -5.27 -4.07
CA PRO A 68 8.43 -4.29 -3.56
C PRO A 68 8.40 -4.09 -2.06
N LEU A 69 7.24 -4.10 -1.42
CA LEU A 69 7.15 -3.73 -0.01
C LEU A 69 7.16 -4.91 0.96
N HIS A 70 7.23 -6.16 0.48
CA HIS A 70 6.93 -7.24 1.43
C HIS A 70 8.08 -7.57 2.37
N ASP A 71 9.32 -7.27 1.98
CA ASP A 71 10.46 -7.54 2.84
C ASP A 71 10.72 -6.36 3.75
N GLY A 72 10.97 -6.65 5.02
CA GLY A 72 11.16 -5.60 6.00
C GLY A 72 9.92 -5.38 6.83
N ALA A 73 10.02 -4.43 7.73
CA ALA A 73 8.97 -4.20 8.71
C ALA A 73 8.06 -3.06 8.26
N VAL A 74 6.78 -3.24 8.50
CA VAL A 74 5.87 -2.10 8.56
C VAL A 74 5.98 -1.50 9.96
N ILE A 75 6.10 -0.18 10.05
CA ILE A 75 6.08 0.49 11.36
C ILE A 75 4.87 1.39 11.42
N MET A 76 4.04 1.20 12.45
CA MET A 76 2.86 2.00 12.70
C MET A 76 3.15 3.00 13.80
N LYS A 77 2.64 4.23 13.63
CA LYS A 77 2.81 5.31 14.58
C LYS A 77 1.56 6.19 14.49
N ASN A 78 1.01 6.58 15.64
CA ASN A 78 -0.10 7.53 15.68
C ASN A 78 -1.30 7.06 14.86
N ASN A 79 -1.57 5.76 14.87
CA ASN A 79 -2.71 5.16 14.19
C ASN A 79 -2.60 5.23 12.67
N GLU A 80 -1.38 5.32 12.15
CA GLU A 80 -1.14 5.27 10.73
C GLU A 80 0.00 4.31 10.43
N ILE A 81 0.06 3.88 9.18
CA ILE A 81 1.22 3.10 8.72
C ILE A 81 2.27 4.11 8.29
N ALA A 82 3.32 4.25 9.10
CA ALA A 82 4.31 5.29 8.81
C ALA A 82 5.15 4.92 7.59
N ALA A 83 5.67 3.69 7.56
CA ALA A 83 6.56 3.27 6.48
C ALA A 83 6.52 1.75 6.36
N ALA A 84 6.94 1.26 5.20
CA ALA A 84 7.06 -0.16 4.94
C ALA A 84 8.49 -0.46 4.51
N ALA A 85 8.83 -1.76 4.52
CA ALA A 85 10.15 -2.25 4.11
C ALA A 85 11.27 -1.60 4.95
N CYS A 86 11.00 -1.42 6.23
CA CYS A 86 11.95 -0.81 7.14
C CYS A 86 12.94 -1.83 7.68
N TYR A 87 14.14 -1.35 8.01
CA TYR A 87 15.13 -2.18 8.69
C TYR A 87 14.91 -2.10 10.19
N LEU A 88 15.12 -3.24 10.85
CA LEU A 88 15.12 -3.31 12.31
C LEU A 88 16.42 -3.94 12.75
N PRO A 89 16.88 -3.66 13.96
CA PRO A 89 18.12 -4.28 14.43
C PRO A 89 17.90 -5.75 14.77
N LEU A 90 18.83 -6.59 14.35
CA LEU A 90 18.73 -8.02 14.64
C LEU A 90 19.19 -8.29 16.07
N SER A 91 18.35 -8.97 16.85
CA SER A 91 18.76 -9.38 18.18
C SER A 91 20.01 -10.24 18.10
N GLU A 92 20.90 -10.09 19.09
CA GLU A 92 22.02 -10.98 19.26
C GLU A 92 21.80 -12.00 20.37
N SER A 93 20.57 -12.11 20.84
CA SER A 93 20.24 -13.03 21.93
C SER A 93 20.64 -14.46 21.56
N PRO A 94 21.29 -15.19 22.46
CA PRO A 94 21.54 -16.62 22.20
C PRO A 94 20.35 -17.51 22.50
N PHE A 95 19.20 -16.96 22.90
CA PHE A 95 18.03 -17.75 23.26
C PHE A 95 16.94 -17.69 22.19
N ILE A 96 17.26 -17.29 20.98
CA ILE A 96 16.28 -17.32 19.88
C ILE A 96 16.49 -18.60 19.09
N SER A 97 15.42 -19.37 18.95
CA SER A 97 15.51 -20.67 18.31
C SER A 97 15.86 -20.53 16.83
N LYS A 98 16.72 -21.44 16.34
CA LYS A 98 17.01 -21.46 14.91
C LYS A 98 15.85 -22.01 14.10
N GLU A 99 14.76 -22.42 14.76
CA GLU A 99 13.51 -22.63 14.05
C GLU A 99 12.97 -21.34 13.46
N LEU A 100 13.35 -20.20 14.02
CA LEU A 100 12.77 -18.92 13.66
C LEU A 100 13.64 -18.20 12.63
N GLY A 101 13.01 -17.25 11.93
CA GLY A 101 13.64 -16.56 10.84
C GLY A 101 14.19 -15.20 11.23
N THR A 102 14.78 -14.54 10.22
CA THR A 102 15.26 -13.18 10.38
C THR A 102 14.14 -12.24 10.83
N ARG A 103 12.92 -12.45 10.35
CA ARG A 103 11.81 -11.62 10.80
C ARG A 103 11.70 -11.65 12.32
N HIS A 104 11.79 -12.85 12.91
CA HIS A 104 11.67 -12.97 14.35
C HIS A 104 12.86 -12.35 15.07
N ARG A 105 14.07 -12.54 14.53
CA ARG A 105 15.24 -11.94 15.16
C ARG A 105 15.20 -10.42 15.08
N ALA A 106 14.66 -9.86 13.99
CA ALA A 106 14.50 -8.41 13.90
C ALA A 106 13.43 -7.92 14.86
N ALA A 107 12.35 -8.67 15.00
CA ALA A 107 11.30 -8.29 15.94
C ALA A 107 11.81 -8.27 17.36
N VAL A 108 12.51 -9.32 17.78
CA VAL A 108 13.09 -9.33 19.12
C VAL A 108 14.08 -8.20 19.28
N GLY A 109 14.89 -7.94 18.23
CA GLY A 109 15.89 -6.89 18.31
C GLY A 109 15.31 -5.50 18.55
N ILE A 110 14.26 -5.14 17.81
CA ILE A 110 13.67 -3.82 18.06
C ILE A 110 13.00 -3.79 19.42
N SER A 111 12.47 -4.94 19.90
CA SER A 111 11.83 -4.98 21.21
C SER A 111 12.83 -4.87 22.35
N GLU A 112 14.13 -5.06 22.07
CA GLU A 112 15.16 -4.92 23.09
C GLU A 112 15.53 -3.46 23.36
N VAL A 113 15.30 -2.57 22.40
CA VAL A 113 15.77 -1.19 22.49
C VAL A 113 14.63 -0.19 22.43
N THR A 114 13.38 -0.66 22.36
CA THR A 114 12.19 0.18 22.39
C THR A 114 11.12 -0.52 23.20
N ASP A 115 10.07 0.22 23.56
CA ASP A 115 8.89 -0.37 24.18
C ASP A 115 7.83 -0.74 23.16
N SER A 116 8.21 -0.93 21.90
CA SER A 116 7.23 -1.20 20.87
C SER A 116 6.64 -2.59 21.03
N LEU A 117 5.55 -2.82 20.31
CA LEU A 117 4.98 -4.15 20.14
C LEU A 117 5.15 -4.56 18.68
N THR A 118 5.74 -5.73 18.45
CA THR A 118 5.93 -6.22 17.09
C THR A 118 5.20 -7.55 16.92
N ILE A 119 4.42 -7.65 15.84
CA ILE A 119 3.73 -8.88 15.47
C ILE A 119 4.50 -9.52 14.33
N ILE A 120 4.65 -10.85 14.38
CA ILE A 120 5.33 -11.60 13.31
C ILE A 120 4.41 -12.72 12.87
N VAL A 121 4.26 -12.89 11.54
CA VAL A 121 3.64 -14.08 10.98
C VAL A 121 4.76 -14.90 10.33
N SER A 122 4.85 -16.18 10.71
CA SER A 122 5.86 -17.07 10.13
C SER A 122 5.51 -17.47 8.69
N GLU A 123 6.48 -17.36 7.80
CA GLU A 123 6.29 -17.80 6.41
C GLU A 123 6.30 -19.32 6.28
N GLU A 124 6.67 -20.04 7.33
CA GLU A 124 6.72 -21.49 7.32
C GLU A 124 5.44 -22.13 7.84
N THR A 125 4.90 -21.61 8.94
CA THR A 125 3.76 -22.23 9.61
C THR A 125 2.51 -21.37 9.63
N GLY A 126 2.62 -20.08 9.34
CA GLY A 126 1.53 -19.18 9.64
C GLY A 126 1.37 -18.87 11.11
N GLY A 127 2.27 -19.35 11.96
CA GLY A 127 2.18 -19.04 13.38
C GLY A 127 2.39 -17.55 13.63
N VAL A 128 1.66 -17.03 14.61
CA VAL A 128 1.71 -15.61 14.94
C VAL A 128 2.44 -15.46 16.27
N SER A 129 3.39 -14.54 16.33
CA SER A 129 4.13 -14.27 17.55
C SER A 129 4.21 -12.78 17.77
N VAL A 130 4.57 -12.39 18.99
CA VAL A 130 4.70 -10.99 19.37
C VAL A 130 6.00 -10.82 20.15
N ALA A 131 6.77 -9.78 19.80
CA ALA A 131 7.98 -9.44 20.52
C ALA A 131 7.71 -8.19 21.34
N LYS A 132 8.06 -8.25 22.63
CA LYS A 132 7.82 -7.15 23.55
C LYS A 132 8.89 -7.26 24.62
N ASN A 133 9.64 -6.17 24.86
CA ASN A 133 10.65 -6.12 25.93
C ASN A 133 11.68 -7.24 25.83
N GLY A 134 12.01 -7.63 24.60
CA GLY A 134 13.02 -8.64 24.40
C GLY A 134 12.53 -10.07 24.46
N ASP A 135 11.27 -10.29 24.78
N ASP A 135 11.26 -10.29 24.80
CA ASP A 135 10.71 -11.63 24.87
CA ASP A 135 10.68 -11.62 24.87
C ASP A 135 9.81 -11.88 23.66
C ASP A 135 9.84 -11.87 23.62
N LEU A 136 9.79 -13.13 23.20
CA LEU A 136 9.04 -13.54 22.03
C LEU A 136 7.98 -14.53 22.45
N HIS A 137 6.72 -14.18 22.20
CA HIS A 137 5.56 -14.97 22.60
C HIS A 137 5.02 -15.70 21.37
N ARG A 138 5.17 -17.01 21.34
CA ARG A 138 4.96 -17.75 20.09
C ARG A 138 3.59 -18.43 20.05
N GLU A 139 3.19 -18.80 18.83
CA GLU A 139 1.98 -19.57 18.54
C GLU A 139 0.74 -18.98 19.20
N LEU A 140 0.56 -17.68 19.00
CA LEU A 140 -0.54 -16.97 19.66
C LEU A 140 -1.87 -17.31 19.03
N THR A 141 -2.90 -17.41 19.88
CA THR A 141 -4.26 -17.50 19.40
C THR A 141 -4.75 -16.12 19.00
N GLU A 142 -5.85 -16.09 18.25
CA GLU A 142 -6.48 -14.82 17.92
C GLU A 142 -6.86 -14.06 19.19
N GLU A 143 -7.39 -14.77 20.18
CA GLU A 143 -7.78 -14.13 21.43
C GLU A 143 -6.58 -13.50 22.14
N ALA A 144 -5.45 -14.21 22.16
CA ALA A 144 -4.28 -13.69 22.87
C ALA A 144 -3.71 -12.45 22.17
N LEU A 145 -3.65 -12.46 20.84
CA LEU A 145 -3.20 -11.29 20.09
C LEU A 145 -4.08 -10.07 20.37
N LYS A 146 -5.40 -10.26 20.36
CA LYS A 146 -6.31 -9.15 20.62
C LYS A 146 -6.12 -8.60 22.03
N GLU A 147 -5.92 -9.48 23.00
CA GLU A 147 -5.71 -9.02 24.38
C GLU A 147 -4.42 -8.22 24.48
N MET A 148 -3.38 -8.68 23.79
CA MET A 148 -2.11 -7.96 23.77
C MET A 148 -2.27 -6.57 23.14
N LEU A 149 -2.96 -6.48 22.00
CA LEU A 149 -3.18 -5.18 21.37
C LEU A 149 -4.03 -4.28 22.23
N GLU A 150 -5.06 -4.84 22.90
CA GLU A 150 -5.89 -4.01 23.78
C GLU A 150 -5.09 -3.52 24.98
N ALA A 151 -4.27 -4.40 25.56
CA ALA A 151 -3.38 -3.98 26.64
C ALA A 151 -2.43 -2.88 26.17
N GLU A 152 -1.96 -2.99 24.94
CA GLU A 152 -0.97 -2.06 24.41
C GLU A 152 -1.58 -0.71 24.07
N PHE A 153 -2.79 -0.70 23.51
CA PHE A 153 -3.44 0.56 23.11
C PHE A 153 -4.10 1.28 24.28
N LYS A 154 -4.25 0.62 25.43
CA LYS A 154 -4.89 1.26 26.59
C LYS A 154 -3.93 2.24 27.26
N PRO B 2 14.63 24.68 -9.54
CA PRO B 2 13.65 23.72 -9.02
C PRO B 2 13.21 23.98 -7.58
N THR B 3 12.03 24.57 -7.43
CA THR B 3 11.43 24.76 -6.13
C THR B 3 11.05 23.40 -5.53
N PRO B 4 10.91 23.34 -4.20
CA PRO B 4 10.44 22.08 -3.58
C PRO B 4 9.16 21.53 -4.20
N VAL B 5 8.21 22.39 -4.56
CA VAL B 5 6.98 21.90 -5.15
C VAL B 5 7.24 21.29 -6.52
N GLU B 6 8.08 21.95 -7.34
CA GLU B 6 8.44 21.41 -8.66
C GLU B 6 9.15 20.07 -8.53
N GLU B 7 10.10 19.99 -7.60
CA GLU B 7 10.80 18.72 -7.38
C GLU B 7 9.85 17.65 -6.87
N ALA B 8 8.94 18.03 -5.97
CA ALA B 8 7.93 17.09 -5.50
C ALA B 8 7.11 16.56 -6.66
N GLN B 9 6.68 17.44 -7.57
CA GLN B 9 5.91 17.00 -8.74
C GLN B 9 6.74 16.04 -9.58
N GLN B 10 8.00 16.37 -9.81
CA GLN B 10 8.84 15.51 -10.64
C GLN B 10 9.03 14.14 -10.00
N LYS B 11 9.21 14.09 -8.68
CA LYS B 11 9.32 12.81 -8.00
C LYS B 11 8.05 12.00 -8.15
N THR B 12 6.89 12.66 -8.05
CA THR B 12 5.63 11.95 -8.25
C THR B 12 5.53 11.40 -9.67
N ILE B 13 5.90 12.20 -10.67
CA ILE B 13 5.87 11.73 -12.06
C ILE B 13 6.79 10.53 -12.24
N GLU B 14 8.01 10.60 -11.70
CA GLU B 14 8.93 9.46 -11.81
C GLU B 14 8.35 8.23 -11.12
N ALA B 15 7.73 8.43 -9.95
CA ALA B 15 7.12 7.32 -9.23
C ALA B 15 6.03 6.65 -10.06
N ILE B 16 5.18 7.46 -10.71
CA ILE B 16 4.14 6.92 -11.56
C ILE B 16 4.74 6.14 -12.74
N THR B 17 5.70 6.75 -13.43
CA THR B 17 6.19 6.13 -14.66
C THR B 17 6.96 4.85 -14.34
N LYS B 18 7.70 4.83 -13.23
CA LYS B 18 8.38 3.60 -12.79
C LYS B 18 7.37 2.49 -12.51
N ALA B 19 6.29 2.83 -11.80
CA ALA B 19 5.28 1.84 -11.45
C ALA B 19 4.57 1.32 -12.69
N ILE B 20 4.16 2.24 -13.57
CA ILE B 20 3.46 1.83 -14.80
C ILE B 20 4.37 0.96 -15.66
N ASN B 21 5.65 1.30 -15.75
CA ASN B 21 6.58 0.49 -16.53
C ASN B 21 6.71 -0.90 -15.94
N TYR B 22 6.83 -0.99 -14.62
CA TYR B 22 6.96 -2.29 -13.96
C TYR B 22 5.74 -3.17 -14.23
N MET B 23 4.54 -2.59 -14.10
CA MET B 23 3.31 -3.35 -14.30
C MET B 23 3.10 -3.69 -15.77
N ALA B 24 3.46 -2.78 -16.66
CA ALA B 24 3.32 -3.04 -18.10
C ALA B 24 4.13 -4.25 -18.50
N LYS B 25 5.37 -4.34 -18.02
CA LYS B 25 6.24 -5.46 -18.39
C LYS B 25 5.66 -6.79 -17.93
N ARG B 26 4.84 -6.78 -16.88
CA ARG B 26 4.33 -7.99 -16.25
C ARG B 26 2.85 -8.24 -16.56
N ARG B 27 2.23 -7.41 -17.40
CA ARG B 27 0.79 -7.51 -17.68
C ARG B 27 -0.04 -7.41 -16.41
N ILE B 28 0.42 -6.58 -15.47
CA ILE B 28 -0.37 -6.31 -14.26
C ILE B 28 -1.38 -5.23 -14.61
N GLY B 29 -2.66 -5.58 -14.64
CA GLY B 29 -3.68 -4.60 -14.96
C GLY B 29 -3.72 -3.48 -13.94
N ALA B 30 -3.86 -2.26 -14.43
CA ALA B 30 -3.85 -1.12 -13.51
C ALA B 30 -4.74 -0.01 -14.04
N LEU B 31 -5.29 0.75 -13.11
CA LEU B 31 -6.22 1.83 -13.40
C LEU B 31 -5.90 2.95 -12.43
N LEU B 32 -5.31 4.04 -12.93
CA LEU B 32 -4.77 5.09 -12.06
C LEU B 32 -5.30 6.43 -12.54
N THR B 33 -6.16 7.05 -11.73
CA THR B 33 -6.80 8.32 -12.06
C THR B 33 -6.16 9.43 -11.24
N ILE B 34 -5.68 10.47 -11.91
CA ILE B 34 -4.99 11.58 -11.25
C ILE B 34 -5.91 12.78 -11.27
N GLU B 35 -6.32 13.25 -10.09
CA GLU B 35 -7.17 14.44 -10.00
C GLU B 35 -6.46 15.65 -10.58
N ARG B 36 -7.23 16.51 -11.27
CA ARG B 36 -6.68 17.75 -11.81
C ARG B 36 -7.46 18.87 -11.12
N ASP B 37 -8.12 19.74 -11.88
CA ASP B 37 -8.86 20.81 -11.20
C ASP B 37 -10.22 20.33 -10.70
N THR B 38 -10.84 19.35 -11.37
CA THR B 38 -12.16 18.85 -10.95
C THR B 38 -12.01 17.94 -9.74
N GLY B 39 -12.69 18.28 -8.64
CA GLY B 39 -12.59 17.44 -7.45
C GLY B 39 -13.25 16.09 -7.66
N MET B 40 -12.58 15.05 -7.18
CA MET B 40 -13.16 13.72 -7.34
C MET B 40 -13.48 13.04 -6.00
N GLY B 41 -13.77 13.84 -4.98
CA GLY B 41 -14.10 13.27 -3.69
C GLY B 41 -15.20 12.23 -3.75
N ASP B 42 -16.20 12.44 -4.62
CA ASP B 42 -17.32 11.51 -4.68
C ASP B 42 -16.86 10.11 -5.04
N TYR B 43 -15.88 10.02 -5.95
CA TYR B 43 -15.36 8.72 -6.35
C TYR B 43 -14.32 8.18 -5.36
N ILE B 44 -13.53 9.09 -4.77
CA ILE B 44 -12.57 8.66 -3.76
C ILE B 44 -13.28 7.98 -2.59
N GLU B 45 -14.47 8.47 -2.25
CA GLU B 45 -15.18 7.92 -1.10
C GLU B 45 -15.72 6.53 -1.35
N THR B 46 -15.75 6.07 -2.61
CA THR B 46 -16.22 4.71 -2.86
C THR B 46 -15.15 3.66 -2.64
N GLY B 47 -13.90 4.05 -2.46
CA GLY B 47 -12.81 3.10 -2.35
C GLY B 47 -12.35 2.89 -0.91
N ILE B 48 -11.20 2.25 -0.79
CA ILE B 48 -10.55 2.06 0.51
C ILE B 48 -9.64 3.26 0.73
N PRO B 49 -9.82 4.02 1.82
CA PRO B 49 -8.98 5.21 2.03
C PRO B 49 -7.54 4.83 2.36
N LEU B 50 -6.61 5.54 1.72
CA LEU B 50 -5.18 5.40 1.99
C LEU B 50 -4.56 6.72 2.43
N ASN B 51 -4.86 7.81 1.72
CA ASN B 51 -4.29 9.12 2.00
C ASN B 51 -2.79 9.02 2.22
N ALA B 52 -2.12 8.34 1.30
CA ALA B 52 -0.74 7.94 1.49
C ALA B 52 0.20 8.77 0.62
N LYS B 53 1.46 8.81 1.04
CA LYS B 53 2.49 9.38 0.19
C LYS B 53 2.68 8.52 -1.05
N VAL B 54 3.08 9.17 -2.13
CA VAL B 54 3.30 8.49 -3.41
C VAL B 54 4.63 7.75 -3.36
N SER B 55 4.64 6.50 -3.82
CA SER B 55 5.87 5.82 -4.17
C SER B 55 5.55 4.84 -5.29
N SER B 56 6.58 4.52 -6.08
CA SER B 56 6.39 3.48 -7.09
C SER B 56 6.10 2.15 -6.42
N GLU B 57 6.72 1.91 -5.26
CA GLU B 57 6.54 0.64 -4.56
C GLU B 57 5.10 0.45 -4.11
N LEU B 58 4.49 1.50 -3.51
CA LEU B 58 3.11 1.35 -3.07
C LEU B 58 2.18 1.16 -4.26
N LEU B 59 2.40 1.91 -5.34
CA LEU B 59 1.56 1.76 -6.53
C LEU B 59 1.60 0.32 -7.04
N ILE B 60 2.80 -0.25 -7.15
CA ILE B 60 2.92 -1.64 -7.60
C ILE B 60 2.21 -2.58 -6.64
N ASN B 61 2.44 -2.41 -5.33
CA ASN B 61 1.86 -3.33 -4.37
C ASN B 61 0.33 -3.31 -4.40
N ILE B 62 -0.27 -2.15 -4.71
CA ILE B 62 -1.73 -2.05 -4.75
C ILE B 62 -2.31 -2.91 -5.87
N PHE B 63 -1.64 -2.98 -7.01
CA PHE B 63 -2.23 -3.59 -8.20
C PHE B 63 -1.86 -5.05 -8.40
N ILE B 64 -1.09 -5.64 -7.48
CA ILE B 64 -0.73 -7.07 -7.60
C ILE B 64 -2.00 -7.89 -7.78
N PRO B 65 -2.05 -8.77 -8.78
CA PRO B 65 -3.27 -9.53 -9.05
C PRO B 65 -3.69 -10.37 -7.85
N ASN B 66 -5.01 -10.54 -7.71
CA ASN B 66 -5.64 -11.41 -6.71
C ASN B 66 -5.50 -10.86 -5.29
N THR B 67 -5.24 -9.57 -5.15
CA THR B 67 -5.11 -8.94 -3.83
C THR B 67 -6.33 -8.09 -3.51
N PRO B 68 -6.52 -7.74 -2.22
CA PRO B 68 -7.70 -6.94 -1.87
C PRO B 68 -7.84 -5.62 -2.64
N LEU B 69 -6.74 -4.92 -2.94
CA LEU B 69 -6.82 -3.57 -3.49
C LEU B 69 -6.71 -3.50 -5.02
N HIS B 70 -6.57 -4.63 -5.72
CA HIS B 70 -6.12 -4.54 -7.10
C HIS B 70 -7.25 -4.24 -8.09
N ASP B 71 -8.50 -4.46 -7.73
CA ASP B 71 -9.60 -4.18 -8.64
C ASP B 71 -10.18 -2.82 -8.30
N GLY B 72 -10.62 -2.10 -9.33
CA GLY B 72 -11.05 -0.73 -9.16
C GLY B 72 -9.91 0.24 -9.38
N ALA B 73 -10.23 1.52 -9.27
CA ALA B 73 -9.25 2.57 -9.55
C ALA B 73 -8.54 3.03 -8.29
N VAL B 74 -7.25 3.32 -8.44
CA VAL B 74 -6.54 4.19 -7.50
C VAL B 74 -6.77 5.62 -7.95
N ILE B 75 -7.10 6.51 -7.02
CA ILE B 75 -7.25 7.93 -7.32
C ILE B 75 -6.18 8.68 -6.56
N MET B 76 -5.42 9.50 -7.28
CA MET B 76 -4.35 10.33 -6.73
C MET B 76 -4.78 11.77 -6.67
N LYS B 77 -4.28 12.46 -5.66
CA LYS B 77 -4.33 13.90 -5.58
C LYS B 77 -2.90 14.43 -5.63
N ASN B 78 -2.72 15.74 -5.48
CA ASN B 78 -1.38 16.27 -5.52
C ASN B 78 -0.50 15.59 -4.48
N ASN B 79 0.50 14.84 -4.98
CA ASN B 79 1.50 14.14 -4.17
C ASN B 79 0.86 13.19 -3.16
N GLU B 80 -0.28 12.59 -3.52
CA GLU B 80 -1.00 11.74 -2.59
C GLU B 80 -1.72 10.62 -3.33
N ILE B 81 -1.64 9.40 -2.79
CA ILE B 81 -2.54 8.31 -3.19
C ILE B 81 -3.73 8.34 -2.23
N ALA B 82 -4.88 8.83 -2.71
CA ALA B 82 -6.02 9.07 -1.83
C ALA B 82 -6.74 7.77 -1.46
N ALA B 83 -7.02 6.92 -2.43
CA ALA B 83 -7.81 5.73 -2.18
C ALA B 83 -7.57 4.70 -3.27
N ALA B 84 -7.83 3.44 -2.94
CA ALA B 84 -7.73 2.37 -3.93
C ALA B 84 -9.08 1.66 -4.04
N ALA B 85 -9.20 0.86 -5.08
CA ALA B 85 -10.41 0.06 -5.33
C ALA B 85 -11.64 0.94 -5.45
N CYS B 86 -11.47 2.09 -6.10
CA CYS B 86 -12.57 3.05 -6.28
C CYS B 86 -13.43 2.68 -7.48
N TYR B 87 -14.69 3.07 -7.40
CA TYR B 87 -15.60 2.95 -8.53
C TYR B 87 -15.52 4.21 -9.40
N LEU B 88 -15.63 4.01 -10.70
CA LEU B 88 -15.69 5.06 -11.70
C LEU B 88 -16.90 4.84 -12.60
N PRO B 89 -17.47 5.90 -13.17
CA PRO B 89 -18.57 5.72 -14.11
C PRO B 89 -18.06 5.03 -15.37
N LEU B 90 -18.89 4.17 -15.94
CA LEU B 90 -18.50 3.46 -17.15
C LEU B 90 -18.95 4.24 -18.38
N SER B 91 -18.03 4.51 -19.29
CA SER B 91 -18.38 5.24 -20.50
C SER B 91 -19.31 4.43 -21.38
N GLU B 92 -20.22 5.15 -22.06
CA GLU B 92 -21.08 4.58 -23.08
C GLU B 92 -20.62 4.95 -24.48
N SER B 93 -19.40 5.47 -24.63
CA SER B 93 -18.90 5.91 -25.93
C SER B 93 -18.92 4.75 -26.93
N PRO B 94 -19.38 5.00 -28.16
CA PRO B 94 -19.27 3.97 -29.20
C PRO B 94 -17.87 3.81 -29.76
N PHE B 95 -16.90 4.59 -29.30
CA PHE B 95 -15.52 4.51 -29.79
C PHE B 95 -14.63 3.68 -28.89
N ILE B 96 -15.19 2.92 -27.97
CA ILE B 96 -14.40 2.09 -27.08
C ILE B 96 -14.32 0.69 -27.69
N SER B 97 -13.11 0.29 -28.06
CA SER B 97 -12.92 -0.95 -28.79
C SER B 97 -13.51 -2.13 -28.04
N LYS B 98 -14.06 -3.08 -28.81
CA LYS B 98 -14.70 -4.24 -28.22
C LYS B 98 -13.72 -5.14 -27.49
N GLU B 99 -12.44 -5.09 -27.86
CA GLU B 99 -11.45 -5.94 -27.20
C GLU B 99 -10.94 -5.33 -25.89
N LEU B 100 -11.41 -4.15 -25.51
CA LEU B 100 -10.91 -3.50 -24.30
C LEU B 100 -11.71 -3.94 -23.08
N GLY B 101 -11.10 -3.74 -21.90
CA GLY B 101 -11.66 -4.19 -20.65
C GLY B 101 -12.50 -3.13 -19.94
N THR B 102 -13.10 -3.56 -18.83
CA THR B 102 -13.84 -2.64 -17.97
C THR B 102 -12.96 -1.51 -17.47
N ARG B 103 -11.66 -1.78 -17.24
CA ARG B 103 -10.76 -0.69 -16.81
C ARG B 103 -10.75 0.45 -17.82
N HIS B 104 -10.73 0.13 -19.12
CA HIS B 104 -10.70 1.19 -20.13
C HIS B 104 -12.03 1.91 -20.18
N ARG B 105 -13.14 1.18 -20.05
CA ARG B 105 -14.45 1.82 -20.06
C ARG B 105 -14.62 2.75 -18.87
N ALA B 106 -14.09 2.36 -17.71
CA ALA B 106 -14.15 3.21 -16.52
C ALA B 106 -13.25 4.43 -16.68
N ALA B 107 -12.06 4.24 -17.25
CA ALA B 107 -11.16 5.38 -17.41
C ALA B 107 -11.75 6.41 -18.36
N VAL B 108 -12.29 5.97 -19.50
CA VAL B 108 -12.93 6.94 -20.39
C VAL B 108 -14.13 7.57 -19.69
N GLY B 109 -14.87 6.78 -18.92
CA GLY B 109 -16.03 7.31 -18.19
C GLY B 109 -15.69 8.46 -17.27
N ILE B 110 -14.65 8.30 -16.44
CA ILE B 110 -14.31 9.39 -15.52
C ILE B 110 -13.73 10.58 -16.28
N SER B 111 -13.09 10.32 -17.43
CA SER B 111 -12.52 11.40 -18.24
C SER B 111 -13.60 12.24 -18.91
N GLU B 112 -14.82 11.73 -19.03
CA GLU B 112 -15.90 12.47 -19.66
C GLU B 112 -16.54 13.49 -18.72
N VAL B 113 -16.40 13.30 -17.41
CA VAL B 113 -17.07 14.14 -16.44
C VAL B 113 -16.12 14.84 -15.49
N THR B 114 -14.81 14.70 -15.69
CA THR B 114 -13.77 15.40 -14.95
C THR B 114 -12.65 15.79 -15.93
N ASP B 115 -11.75 16.66 -15.50
CA ASP B 115 -10.55 16.95 -16.26
C ASP B 115 -9.38 16.08 -15.82
N SER B 116 -9.65 14.97 -15.14
CA SER B 116 -8.61 14.10 -14.64
C SER B 116 -7.87 13.43 -15.79
N LEU B 117 -6.69 12.91 -15.48
CA LEU B 117 -5.91 12.09 -16.39
C LEU B 117 -5.87 10.67 -15.83
N THR B 118 -6.27 9.70 -16.63
CA THR B 118 -6.27 8.32 -16.15
C THR B 118 -5.33 7.49 -17.00
N ILE B 119 -4.52 6.66 -16.33
CA ILE B 119 -3.60 5.75 -16.99
C ILE B 119 -4.13 4.33 -16.82
N ILE B 120 -4.03 3.53 -17.88
CA ILE B 120 -4.52 2.15 -17.82
C ILE B 120 -3.42 1.24 -18.32
N VAL B 121 -3.15 0.16 -17.58
CA VAL B 121 -2.30 -0.93 -18.06
C VAL B 121 -3.21 -2.11 -18.36
N SER B 122 -3.09 -2.65 -19.58
CA SER B 122 -3.90 -3.79 -20.00
C SER B 122 -3.35 -5.08 -19.41
N GLU B 123 -4.21 -5.87 -18.76
CA GLU B 123 -3.73 -7.16 -18.30
C GLU B 123 -3.65 -8.19 -19.43
N GLU B 124 -4.19 -7.86 -20.61
CA GLU B 124 -4.04 -8.77 -21.74
C GLU B 124 -2.70 -8.57 -22.45
N THR B 125 -2.32 -7.32 -22.71
CA THR B 125 -1.14 -7.04 -23.52
C THR B 125 -0.03 -6.34 -22.78
N GLY B 126 -0.31 -5.74 -21.62
CA GLY B 126 0.64 -4.84 -21.02
C GLY B 126 0.71 -3.48 -21.67
N GLY B 127 -0.12 -3.24 -22.70
CA GLY B 127 -0.14 -1.93 -23.32
C GLY B 127 -0.65 -0.85 -22.38
N VAL B 128 -0.12 0.35 -22.55
CA VAL B 128 -0.41 1.48 -21.69
C VAL B 128 -1.24 2.50 -22.45
N SER B 129 -2.34 2.96 -21.84
CA SER B 129 -3.18 3.97 -22.47
C SER B 129 -3.52 5.05 -21.47
N VAL B 130 -4.02 6.17 -22.00
CA VAL B 130 -4.39 7.33 -21.19
C VAL B 130 -5.75 7.81 -21.64
N ALA B 131 -6.64 8.12 -20.69
CA ALA B 131 -7.93 8.72 -20.95
C ALA B 131 -7.93 10.16 -20.43
N LYS B 132 -8.36 11.09 -21.27
CA LYS B 132 -8.43 12.49 -20.90
C LYS B 132 -9.51 13.15 -21.74
N ASN B 133 -10.44 13.86 -21.09
CA ASN B 133 -11.45 14.65 -21.80
C ASN B 133 -12.30 13.78 -22.72
N GLY B 134 -12.51 12.52 -22.35
CA GLY B 134 -13.29 11.63 -23.16
C GLY B 134 -12.54 10.90 -24.26
N ASP B 135 -11.26 11.21 -24.47
CA ASP B 135 -10.46 10.55 -25.49
C ASP B 135 -9.56 9.49 -24.86
N LEU B 136 -9.41 8.36 -25.54
CA LEU B 136 -8.51 7.29 -25.13
C LEU B 136 -7.38 7.18 -26.14
N HIS B 137 -6.14 7.35 -25.69
CA HIS B 137 -4.94 7.23 -26.50
C HIS B 137 -4.20 5.98 -26.06
N ARG B 138 -4.00 5.06 -26.99
CA ARG B 138 -3.50 3.73 -26.62
C ARG B 138 -2.10 3.47 -27.14
N GLU B 139 -1.51 2.39 -26.61
CA GLU B 139 -0.20 1.87 -27.03
C GLU B 139 0.90 2.91 -26.87
N LEU B 140 0.90 3.58 -25.73
CA LEU B 140 1.87 4.65 -25.49
C LEU B 140 3.25 4.08 -25.17
N THR B 141 4.28 4.70 -25.73
CA THR B 141 5.64 4.46 -25.26
C THR B 141 5.84 5.12 -23.91
N GLU B 142 6.90 4.71 -23.20
CA GLU B 142 7.19 5.37 -21.94
C GLU B 142 7.57 6.83 -22.16
N GLU B 143 8.21 7.15 -23.29
CA GLU B 143 8.46 8.54 -23.64
C GLU B 143 7.16 9.31 -23.75
N ALA B 144 6.17 8.74 -24.44
CA ALA B 144 4.89 9.41 -24.62
C ALA B 144 4.18 9.62 -23.30
N LEU B 145 4.24 8.63 -22.41
CA LEU B 145 3.56 8.76 -21.13
C LEU B 145 4.20 9.83 -20.26
N LYS B 146 5.53 9.82 -20.16
CA LYS B 146 6.21 10.80 -19.33
C LYS B 146 5.95 12.22 -19.85
N GLU B 147 5.96 12.41 -21.17
CA GLU B 147 5.70 13.75 -21.71
C GLU B 147 4.25 14.18 -21.47
N MET B 148 3.30 13.25 -21.55
CA MET B 148 1.92 13.58 -21.19
C MET B 148 1.84 14.04 -19.74
N LEU B 149 2.42 13.28 -18.83
CA LEU B 149 2.37 13.62 -17.41
C LEU B 149 3.04 14.96 -17.15
N GLU B 150 4.19 15.22 -17.77
CA GLU B 150 4.87 16.49 -17.58
C GLU B 150 4.03 17.65 -18.10
N ALA B 151 3.40 17.47 -19.26
CA ALA B 151 2.52 18.51 -19.79
C ALA B 151 1.32 18.72 -18.87
N GLU B 152 0.77 17.65 -18.32
CA GLU B 152 -0.46 17.77 -17.54
C GLU B 152 -0.22 18.26 -16.13
N PHE B 153 0.95 17.98 -15.55
CA PHE B 153 1.21 18.41 -14.18
C PHE B 153 1.50 19.90 -14.08
N LYS B 154 1.89 20.54 -15.19
CA LYS B 154 2.19 21.97 -15.18
C LYS B 154 1.03 22.78 -14.60
N LYS B 155 -0.15 22.61 -15.17
CA LYS B 155 -1.39 23.14 -14.61
C LYS B 155 -2.60 22.58 -15.36
N1 TJ9 C . 15.67 -5.75 9.51
N3 TJ9 C . 14.54 -8.91 5.97
C4 TJ9 C . 16.88 -6.21 9.24
C5 TJ9 C . 19.43 -5.86 9.20
C6 TJ9 C . 20.70 -5.37 9.84
C7 TJ9 C . 13.87 -8.29 7.12
C8 TJ9 C . 12.47 -8.79 7.20
C1 TJ9 C . 13.20 -5.81 9.20
C2 TJ9 C . 14.54 -6.40 8.84
C3 TJ9 C . 14.48 -7.41 7.95
C9 TJ9 C . 13.76 -9.74 5.30
N2 TJ9 C . 18.14 -5.80 9.73
N4 TJ9 C . 14.13 -10.45 4.17
O1 TJ9 C . 19.55 -6.38 8.06
S1 TJ9 C . 16.63 -7.55 8.05
S2 TJ9 C . 12.09 -9.84 6.03
S DMS D . -4.09 -15.91 14.13
O DMS D . -4.19 -17.35 14.52
C1 DMS D . -3.66 -14.97 15.63
C2 DMS D . -5.74 -15.28 13.75
S DMS E . 6.95 10.04 21.10
O DMS E . 8.24 10.32 20.40
C1 DMS E . 6.47 8.33 20.76
C2 DMS E . 5.61 10.93 20.26
S DMS F . -1.14 2.73 17.22
O DMS F . -0.49 3.39 16.04
C1 DMS F . -2.63 3.67 17.67
C2 DMS F . -0.15 3.06 18.71
S DMS G . 5.75 -7.60 29.78
O DMS G . 7.15 -7.07 29.85
C1 DMS G . 5.17 -8.04 31.44
C2 DMS G . 4.72 -6.14 29.50
S DMS H . -0.30 -22.60 14.85
O DMS H . 0.77 -22.27 15.82
C1 DMS H . -1.56 -21.31 14.89
C2 DMS H . 0.34 -22.43 13.16
S DMS I . 2.44 -2.16 28.47
O DMS I . 3.34 -2.95 27.58
C1 DMS I . 2.75 -2.71 30.16
C2 DMS I . 0.73 -2.75 28.27
S DMS J . 0.68 -15.41 25.83
O DMS J . 1.92 -16.23 26.01
C1 DMS J . -0.05 -15.06 27.45
C2 DMS J . -0.65 -16.46 25.19
S DMS K . 14.98 -4.87 3.90
O DMS K . 14.78 -4.59 5.36
C1 DMS K . 13.67 -4.05 2.94
C2 DMS K . 14.62 -6.61 3.54
C1 PEG L . 3.49 -13.52 -6.93
O1 PEG L . 4.73 -13.17 -7.52
C2 PEG L . 2.87 -12.37 -6.21
O2 PEG L . 1.50 -12.64 -5.96
C3 PEG L . 0.74 -12.79 -7.16
C4 PEG L . -0.70 -13.00 -6.81
O4 PEG L . -0.91 -14.14 -5.99
S DMS M . 5.03 -22.57 1.68
O DMS M . 6.50 -22.75 1.56
C1 DMS M . 4.56 -21.15 0.65
C2 DMS M . 4.64 -21.86 3.32
CL CL N . 9.66 -7.36 -6.04
CL CL O . 9.43 -16.08 8.97
CL CL P . 5.48 -16.39 1.57
N1 TJ9 Q . -15.57 1.32 -11.85
N3 TJ9 Q . -12.01 -2.00 -12.23
C4 TJ9 Q . -16.72 0.70 -12.02
C5 TJ9 Q . -19.29 0.71 -12.28
C6 TJ9 Q . -20.59 1.46 -12.35
C7 TJ9 Q . -13.46 -1.98 -12.00
C8 TJ9 Q . -13.95 -3.35 -11.83
C1 TJ9 Q . -13.09 1.30 -11.60
C2 TJ9 Q . -14.35 0.51 -11.81
C3 TJ9 Q . -14.17 -0.83 -11.95
C9 TJ9 Q . -11.51 -3.22 -12.23
N2 TJ9 Q . -18.02 1.25 -12.10
N4 TJ9 Q . -10.18 -3.55 -12.42
O1 TJ9 Q . -19.35 -0.54 -12.41
S1 TJ9 Q . -16.30 -1.04 -12.18
S2 TJ9 Q . -12.80 -4.47 -11.95
S DMS R . 5.12 1.75 -21.06
O DMS R . 4.45 3.03 -21.48
C1 DMS R . 6.26 2.15 -19.74
C2 DMS R . 6.29 1.26 -22.35
S DMS S . -14.58 -2.48 -7.64
O DMS S . -14.12 -3.48 -8.64
C1 DMS S . -14.65 -0.83 -8.39
C2 DMS S . -13.29 -2.19 -6.41
S DMS T . 10.18 -0.78 -7.37
O DMS T . 10.22 0.63 -7.84
C1 DMS T . 10.50 -1.88 -8.77
C2 DMS T . 11.68 -1.11 -6.39
S DMS U . -11.15 24.58 -10.03
O DMS U . -11.37 25.18 -11.39
C1 DMS U . -11.08 25.85 -8.73
C2 DMS U . -12.63 23.70 -9.46
S DMS V . -15.24 17.59 -17.89
O DMS V . -14.43 18.82 -17.64
C1 DMS V . -14.60 16.73 -19.36
C2 DMS V . -16.91 18.04 -18.46
S DMS W . 0.46 22.87 -7.73
O DMS W . 1.23 23.85 -6.90
C1 DMS W . 1.15 22.85 -9.41
C2 DMS W . -1.20 23.50 -8.08
C1 PEG X . 17.50 14.65 -5.66
O1 PEG X . 17.12 15.97 -5.30
C2 PEG X . 18.23 13.94 -4.56
O2 PEG X . 18.22 12.55 -4.79
C3 PEG X . 18.81 12.17 -6.02
C4 PEG X . 18.81 10.67 -6.15
O4 PEG X . 19.24 10.26 -7.45
CL CL Y . -13.59 16.90 -4.01
CL CL Z . -7.37 -4.71 -18.66
CL CL AA . -3.26 0.06 -25.02
#